data_6VTJ
#
_entry.id   6VTJ
#
_cell.length_a   98.949
_cell.length_b   71.833
_cell.length_c   82.725
_cell.angle_alpha   90.000
_cell.angle_beta   90.260
_cell.angle_gamma   90.000
#
_symmetry.space_group_name_H-M   'C 1 2 1'
#
loop_
_entity.id
_entity.type
_entity.pdbx_description
1 polymer 'Non-ribosomal peptide synthetase'
2 non-polymer "4'-PHOSPHOPANTETHEINE"
3 water water
#
_entity_poly.entity_id   1
_entity_poly.type   'polypeptide(L)'
_entity_poly.pdbx_seq_one_letter_code
;GSGAVELNYVAPKTRLEHEICAIFSSILNIETVGVEDNFFEIGGTSLIASKLIIELLKQGYSVRYDDIFRNKTPRALAKL
LSGEDIGEEDLDLTDDIIKNYNYGEINELLQENTWENFFDGENLELGNVLLTGATGFLGIHILYEFIKSEEGKIYCMLRK
GKFDSCQERLIDVMNDYFDEDFTDLVGSRIIPIEGDITEIDDFKQLEDEPIDTVINSAALVKHYTADDYIFRVNVDGVIN
GLKFAQTRNNIKYVQISTISVLSSYSLNEEAYPNQEYDERTLYYEQDLENKYVCSKFLAERAVLQAATKGLPVKIIRVGN
LMSRYSDGVFQKNYDTNAFLNNIKTIKKLGAMNPAMASEKVDMSQIDYVAKGILALSKTPEKSRVFHCMNNHYISHRDIV
DALNTYGYGIEEVDFEEFKQIYEQNMNENIQGIITADFSIDDFDEEDDFEENVEIEQTVDILHSLGFDWPEADEEYLKRL
FDYLNKFDYFE
;
_entity_poly.pdbx_strand_id   A
#
# COMPACT_ATOMS: atom_id res chain seq x y z
N LEU A 7 -21.55 30.72 6.56
CA LEU A 7 -21.80 29.30 6.30
C LEU A 7 -22.36 29.10 4.91
N ASN A 8 -22.06 27.93 4.32
CA ASN A 8 -22.69 27.51 3.09
C ASN A 8 -23.99 26.74 3.32
N TYR A 9 -24.74 27.06 4.38
CA TYR A 9 -25.93 26.28 4.67
C TYR A 9 -26.97 26.43 3.57
N VAL A 10 -27.22 25.34 2.85
CA VAL A 10 -28.32 25.25 1.89
C VAL A 10 -29.30 24.23 2.43
N ALA A 11 -30.57 24.61 2.48
CA ALA A 11 -31.58 23.65 2.89
C ALA A 11 -31.73 22.57 1.84
N PRO A 12 -31.91 21.31 2.24
CA PRO A 12 -32.23 20.27 1.26
C PRO A 12 -33.56 20.53 0.59
N LYS A 13 -33.66 20.14 -0.69
CA LYS A 13 -34.90 20.26 -1.44
C LYS A 13 -35.67 18.94 -1.46
N THR A 14 -35.11 17.89 -2.06
CA THR A 14 -35.85 16.65 -2.24
C THR A 14 -35.82 15.81 -0.96
N ARG A 15 -36.70 14.81 -0.88
CA ARG A 15 -36.78 14.01 0.34
C ARG A 15 -35.56 13.11 0.49
N LEU A 16 -34.99 12.65 -0.63
CA LEU A 16 -33.74 11.91 -0.57
C LEU A 16 -32.63 12.75 0.03
N GLU A 17 -32.54 14.02 -0.41
CA GLU A 17 -31.54 14.91 0.18
C GLU A 17 -31.78 15.12 1.66
N HIS A 18 -33.05 15.27 2.06
CA HIS A 18 -33.37 15.40 3.47
C HIS A 18 -32.88 14.20 4.26
N GLU A 19 -33.09 12.98 3.72
CA GLU A 19 -32.66 11.77 4.42
C GLU A 19 -31.13 11.73 4.57
N ILE A 20 -30.42 12.10 3.52
CA ILE A 20 -28.96 11.99 3.61
C ILE A 20 -28.39 13.07 4.52
N CYS A 21 -28.97 14.27 4.50
CA CYS A 21 -28.59 15.29 5.47
C CYS A 21 -28.84 14.82 6.89
N ALA A 22 -30.00 14.18 7.13
CA ALA A 22 -30.30 13.75 8.50
C ALA A 22 -29.34 12.66 8.94
N ILE A 23 -28.94 11.78 8.02
CA ILE A 23 -27.98 10.75 8.37
C ILE A 23 -26.61 11.37 8.72
N PHE A 24 -26.11 12.26 7.86
CA PHE A 24 -24.91 13.02 8.21
C PHE A 24 -25.01 13.56 9.62
N SER A 25 -26.09 14.27 9.92
CA SER A 25 -26.18 14.96 11.20
C SER A 25 -26.25 13.97 12.37
N SER A 26 -26.92 12.84 12.19
CA SER A 26 -27.02 11.88 13.28
C SER A 26 -25.69 11.15 13.50
N ILE A 27 -25.01 10.81 12.41
CA ILE A 27 -23.75 10.08 12.50
C ILE A 27 -22.66 10.96 13.10
N LEU A 28 -22.58 12.22 12.68
CA LEU A 28 -21.59 13.18 13.14
C LEU A 28 -21.98 13.92 14.41
N ASN A 29 -23.22 13.79 14.86
CA ASN A 29 -23.74 14.55 16.01
C ASN A 29 -23.51 16.05 15.83
N ILE A 30 -24.11 16.57 14.75
CA ILE A 30 -24.09 18.00 14.43
C ILE A 30 -25.52 18.47 14.38
N GLU A 31 -25.81 19.61 15.02
CA GLU A 31 -27.18 20.09 15.14
C GLU A 31 -27.81 20.30 13.77
N THR A 32 -27.12 21.04 12.89
CA THR A 32 -27.65 21.40 11.58
C THR A 32 -26.63 21.07 10.52
N VAL A 33 -27.02 20.25 9.54
CA VAL A 33 -26.18 19.91 8.39
C VAL A 33 -26.91 20.34 7.12
N GLY A 34 -26.25 21.18 6.29
CA GLY A 34 -26.82 21.57 5.02
C GLY A 34 -26.53 20.57 3.93
N VAL A 35 -27.16 20.78 2.77
CA VAL A 35 -27.07 19.82 1.68
C VAL A 35 -25.77 19.95 0.90
N GLU A 36 -25.04 21.05 1.12
CA GLU A 36 -23.74 21.26 0.51
C GLU A 36 -22.61 21.17 1.53
N ASP A 37 -22.89 20.66 2.72
CA ASP A 37 -21.83 20.45 3.70
C ASP A 37 -20.96 19.26 3.29
N ASN A 38 -19.66 19.51 3.20
CA ASN A 38 -18.67 18.47 2.91
C ASN A 38 -18.51 17.56 4.13
N PHE A 39 -18.79 16.26 3.94
CA PHE A 39 -18.64 15.28 5.04
C PHE A 39 -17.31 15.43 5.76
N PHE A 40 -16.22 15.55 5.00
CA PHE A 40 -14.90 15.58 5.63
C PHE A 40 -14.51 16.97 6.13
N GLU A 41 -15.20 18.02 5.68
CA GLU A 41 -14.92 19.35 6.20
C GLU A 41 -15.65 19.63 7.51
N ILE A 42 -16.75 18.92 7.79
CA ILE A 42 -17.59 19.27 8.94
C ILE A 42 -17.36 18.34 10.12
N GLY A 43 -16.31 17.52 10.08
CA GLY A 43 -15.96 16.64 11.18
C GLY A 43 -16.00 15.16 10.83
N GLY A 44 -16.26 14.80 9.58
CA GLY A 44 -16.24 13.41 9.21
C GLY A 44 -14.83 12.92 8.95
N THR A 45 -14.59 11.66 9.31
CA THR A 45 -13.33 11.01 9.05
C THR A 45 -13.56 9.79 8.16
N SER A 46 -12.45 9.20 7.73
CA SER A 46 -12.51 8.03 6.87
C SER A 46 -13.15 6.84 7.57
N LEU A 47 -12.99 6.72 8.89
CA LEU A 47 -13.63 5.60 9.58
C LEU A 47 -15.10 5.90 9.88
N ILE A 48 -15.46 7.16 10.11
CA ILE A 48 -16.87 7.49 10.25
C ILE A 48 -17.57 7.35 8.90
N ALA A 49 -16.84 7.50 7.81
CA ALA A 49 -17.43 7.31 6.49
C ALA A 49 -17.98 5.89 6.34
N SER A 50 -17.36 4.92 7.01
CA SER A 50 -17.85 3.55 6.92
C SER A 50 -19.17 3.40 7.67
N LYS A 51 -19.32 4.11 8.80
CA LYS A 51 -20.60 4.12 9.48
C LYS A 51 -21.65 4.78 8.60
N LEU A 52 -21.28 5.87 7.93
CA LEU A 52 -22.18 6.50 6.98
C LEU A 52 -22.66 5.49 5.94
N ILE A 53 -21.72 4.72 5.37
CA ILE A 53 -22.09 3.76 4.33
C ILE A 53 -23.00 2.68 4.91
N ILE A 54 -22.69 2.20 6.10
CA ILE A 54 -23.53 1.17 6.71
C ILE A 54 -24.95 1.72 6.93
N GLU A 55 -25.07 2.96 7.38
CA GLU A 55 -26.38 3.55 7.61
C GLU A 55 -27.16 3.69 6.31
N LEU A 56 -26.51 4.14 5.23
CA LEU A 56 -27.18 4.22 3.94
C LEU A 56 -27.61 2.85 3.42
N LEU A 57 -26.81 1.80 3.70
CA LEU A 57 -27.17 0.45 3.29
C LEU A 57 -28.35 -0.05 4.11
N LYS A 58 -28.41 0.32 5.39
CA LYS A 58 -29.52 -0.08 6.25
C LYS A 58 -30.83 0.50 5.77
N GLN A 59 -30.80 1.70 5.19
CA GLN A 59 -31.95 2.33 4.57
C GLN A 59 -32.23 1.81 3.17
N GLY A 60 -31.51 0.78 2.74
CA GLY A 60 -31.78 0.18 1.45
C GLY A 60 -31.24 0.93 0.26
N TYR A 61 -30.20 1.75 0.44
CA TYR A 61 -29.51 2.38 -0.69
C TYR A 61 -28.33 1.53 -1.12
N SER A 62 -27.98 1.61 -2.41
CA SER A 62 -26.83 0.88 -2.94
C SER A 62 -25.66 1.86 -3.05
N VAL A 63 -24.73 1.77 -2.11
CA VAL A 63 -23.55 2.62 -2.09
C VAL A 63 -22.36 1.77 -1.68
N ARG A 64 -21.17 2.27 -1.99
CA ARG A 64 -19.97 1.67 -1.47
C ARG A 64 -19.06 2.78 -0.95
N TYR A 65 -17.99 2.35 -0.29
CA TYR A 65 -17.11 3.25 0.46
C TYR A 65 -16.56 4.38 -0.42
N ASP A 66 -16.14 4.09 -1.66
CA ASP A 66 -15.51 5.16 -2.44
C ASP A 66 -16.52 6.23 -2.85
N ASP A 67 -17.81 5.91 -2.81
CA ASP A 67 -18.86 6.87 -3.16
C ASP A 67 -18.78 8.11 -2.28
N ILE A 68 -18.50 7.95 -0.98
CA ILE A 68 -18.52 9.13 -0.12
C ILE A 68 -17.25 9.96 -0.28
N PHE A 69 -16.14 9.34 -0.73
CA PHE A 69 -14.95 10.11 -1.08
C PHE A 69 -15.11 10.86 -2.39
N ARG A 70 -15.85 10.29 -3.35
CA ARG A 70 -16.03 10.99 -4.63
C ARG A 70 -17.15 12.01 -4.57
N ASN A 71 -18.16 11.81 -3.73
CA ASN A 71 -19.31 12.71 -3.61
C ASN A 71 -19.47 13.07 -2.14
N LYS A 72 -18.90 14.21 -1.74
CA LYS A 72 -18.70 14.48 -0.32
C LYS A 72 -19.89 15.14 0.36
N THR A 73 -20.87 15.66 -0.39
CA THR A 73 -22.02 16.36 0.18
C THR A 73 -23.31 15.56 -0.04
N PRO A 74 -24.34 15.79 0.79
CA PRO A 74 -25.62 15.11 0.55
C PRO A 74 -26.23 15.43 -0.81
N ARG A 75 -26.02 16.65 -1.32
CA ARG A 75 -26.48 17.00 -2.67
C ARG A 75 -25.86 16.07 -3.71
N ALA A 76 -24.53 15.96 -3.71
CA ALA A 76 -23.86 15.07 -4.64
C ALA A 76 -24.24 13.61 -4.41
N LEU A 77 -24.33 13.19 -3.14
CA LEU A 77 -24.69 11.81 -2.84
C LEU A 77 -26.08 11.48 -3.34
N ALA A 78 -26.99 12.46 -3.31
CA ALA A 78 -28.35 12.23 -3.80
C ALA A 78 -28.38 12.17 -5.32
N LYS A 79 -27.64 13.07 -5.98
CA LYS A 79 -27.51 12.94 -7.43
C LYS A 79 -27.03 11.54 -7.81
N LEU A 80 -26.06 11.01 -7.05
CA LEU A 80 -25.57 9.66 -7.31
C LEU A 80 -26.64 8.60 -7.07
N LEU A 81 -27.28 8.64 -5.90
CA LEU A 81 -28.22 7.58 -5.55
C LEU A 81 -29.50 7.64 -6.37
N SER A 82 -29.76 8.74 -7.08
CA SER A 82 -30.95 8.81 -7.90
C SER A 82 -30.68 8.70 -9.41
N GLY A 83 -29.45 8.96 -9.86
CA GLY A 83 -29.12 8.67 -11.25
C GLY A 83 -28.46 9.77 -12.06
N GLU A 84 -28.32 10.97 -11.49
CA GLU A 84 -27.72 12.08 -12.23
C GLU A 84 -26.19 12.11 -12.03
N LEU A 93 -8.49 15.41 -13.67
CA LEU A 93 -7.24 15.92 -14.22
C LEU A 93 -6.13 14.87 -14.20
N THR A 94 -6.24 13.90 -13.30
CA THR A 94 -5.26 12.82 -13.24
C THR A 94 -5.33 11.96 -14.51
N ASP A 95 -6.52 11.73 -15.04
CA ASP A 95 -6.62 10.92 -16.25
C ASP A 95 -5.88 11.58 -17.42
N ASP A 96 -6.00 12.91 -17.53
CA ASP A 96 -5.26 13.63 -18.57
C ASP A 96 -3.76 13.56 -18.34
N ILE A 97 -3.33 13.73 -17.09
CA ILE A 97 -1.91 13.56 -16.78
C ILE A 97 -1.43 12.17 -17.20
N ILE A 98 -2.26 11.15 -16.97
CA ILE A 98 -1.86 9.78 -17.29
C ILE A 98 -1.74 9.60 -18.79
N LYS A 99 -2.75 10.04 -19.55
CA LYS A 99 -2.80 9.78 -20.98
C LYS A 99 -1.97 10.75 -21.82
N ASN A 100 -1.63 11.93 -21.29
CA ASN A 100 -0.90 12.92 -22.08
C ASN A 100 0.60 12.68 -21.91
N TYR A 101 1.07 11.63 -22.57
CA TYR A 101 2.43 11.16 -22.34
C TYR A 101 2.80 10.22 -23.46
N ASN A 102 4.05 10.27 -23.87
CA ASN A 102 4.62 9.36 -24.85
C ASN A 102 5.41 8.30 -24.09
N TYR A 103 4.87 7.09 -24.03
CA TYR A 103 5.51 6.00 -23.28
C TYR A 103 6.53 5.21 -24.11
N GLY A 104 6.95 5.72 -25.26
CA GLY A 104 7.84 4.94 -26.12
C GLY A 104 9.18 4.64 -25.48
N GLU A 105 9.85 5.66 -24.95
CA GLU A 105 11.19 5.47 -24.41
C GLU A 105 11.20 4.59 -23.15
N ILE A 106 10.23 4.82 -22.27
CA ILE A 106 10.08 3.96 -21.10
C ILE A 106 9.89 2.51 -21.53
N ASN A 107 9.00 2.27 -22.51
CA ASN A 107 8.71 0.90 -22.95
C ASN A 107 9.95 0.24 -23.55
N GLU A 108 10.76 1.02 -24.27
CA GLU A 108 12.02 0.50 -24.79
C GLU A 108 12.94 0.08 -23.66
N LEU A 109 13.03 0.88 -22.60
CA LEU A 109 13.84 0.48 -21.46
C LEU A 109 13.29 -0.78 -20.81
N LEU A 110 11.96 -0.82 -20.63
CA LEU A 110 11.32 -1.98 -20.03
C LEU A 110 11.67 -3.26 -20.80
N GLN A 111 11.80 -3.16 -22.14
CA GLN A 111 12.14 -4.34 -22.93
C GLN A 111 13.52 -4.90 -22.59
N GLU A 112 14.40 -4.10 -21.98
CA GLU A 112 15.68 -4.60 -21.54
C GLU A 112 15.61 -5.40 -20.25
N ASN A 113 14.44 -5.45 -19.59
CA ASN A 113 14.32 -6.04 -18.25
C ASN A 113 13.99 -7.53 -18.36
N THR A 114 15.00 -8.32 -18.70
CA THR A 114 14.82 -9.74 -18.98
C THR A 114 15.68 -10.59 -18.07
N TRP A 115 15.35 -11.88 -18.02
CA TRP A 115 16.25 -12.82 -17.37
C TRP A 115 17.65 -12.76 -18.00
N GLU A 116 17.71 -12.61 -19.32
CA GLU A 116 19.01 -12.63 -19.99
C GLU A 116 19.89 -11.49 -19.49
N ASN A 117 19.33 -10.29 -19.39
CA ASN A 117 20.16 -9.15 -19.00
C ASN A 117 20.50 -9.17 -17.52
N PHE A 118 19.65 -9.76 -16.68
CA PHE A 118 20.06 -9.97 -15.30
C PHE A 118 21.22 -10.95 -15.23
N PHE A 119 21.08 -12.09 -15.91
CA PHE A 119 22.09 -13.14 -15.78
C PHE A 119 23.42 -12.71 -16.39
N ASP A 120 23.39 -11.97 -17.50
CA ASP A 120 24.64 -11.56 -18.14
C ASP A 120 25.26 -10.31 -17.55
N GLY A 121 24.47 -9.49 -16.83
CA GLY A 121 24.97 -8.21 -16.35
C GLY A 121 25.88 -8.32 -15.13
N GLU A 122 26.54 -7.21 -14.83
CA GLU A 122 27.34 -7.08 -13.63
C GLU A 122 26.48 -6.47 -12.51
N ASN A 123 26.46 -7.14 -11.37
CA ASN A 123 25.71 -6.63 -10.24
C ASN A 123 26.29 -5.30 -9.78
N LEU A 124 25.44 -4.47 -9.16
CA LEU A 124 25.82 -3.17 -8.66
C LEU A 124 26.08 -3.25 -7.16
N GLU A 125 26.88 -2.34 -6.64
CA GLU A 125 27.14 -2.31 -5.20
C GLU A 125 26.11 -1.45 -4.50
N LEU A 126 25.64 -1.90 -3.34
CA LEU A 126 24.69 -1.12 -2.57
C LEU A 126 25.36 0.13 -1.99
N GLY A 127 26.49 -0.05 -1.28
CA GLY A 127 27.16 1.12 -0.75
C GLY A 127 26.42 1.70 0.46
N ASN A 128 26.57 3.00 0.65
CA ASN A 128 25.84 3.69 1.69
C ASN A 128 24.46 4.09 1.20
N VAL A 129 23.46 3.94 2.06
CA VAL A 129 22.06 4.08 1.66
C VAL A 129 21.45 5.32 2.30
N LEU A 130 20.70 6.07 1.52
CA LEU A 130 19.74 7.04 2.03
C LEU A 130 18.38 6.36 2.04
N LEU A 131 17.85 6.06 3.23
CA LEU A 131 16.55 5.45 3.41
C LEU A 131 15.52 6.49 3.83
N THR A 132 14.44 6.58 3.05
CA THR A 132 13.27 7.34 3.46
C THR A 132 12.23 6.39 4.02
N GLY A 133 11.42 6.90 4.94
CA GLY A 133 10.36 6.11 5.55
C GLY A 133 10.85 5.12 6.58
N ALA A 134 11.95 5.42 7.26
CA ALA A 134 12.53 4.45 8.19
C ALA A 134 11.63 4.14 9.38
N THR A 135 10.60 4.96 9.63
CA THR A 135 9.71 4.74 10.78
C THR A 135 8.45 3.97 10.43
N GLY A 136 8.21 3.70 9.14
CA GLY A 136 7.07 2.89 8.77
C GLY A 136 7.41 1.43 8.89
N PHE A 137 6.39 0.59 8.68
CA PHE A 137 6.54 -0.86 8.84
C PHE A 137 7.63 -1.42 7.94
N LEU A 138 7.59 -1.07 6.65
CA LEU A 138 8.62 -1.56 5.74
C LEU A 138 9.97 -0.94 6.04
N GLY A 139 10.01 0.39 6.21
CA GLY A 139 11.29 1.09 6.33
C GLY A 139 12.14 0.63 7.50
N ILE A 140 11.51 0.38 8.66
CA ILE A 140 12.24 -0.07 9.84
C ILE A 140 12.87 -1.43 9.59
N HIS A 141 12.21 -2.27 8.81
CA HIS A 141 12.76 -3.59 8.55
C HIS A 141 13.82 -3.57 7.47
N ILE A 142 13.72 -2.65 6.51
CA ILE A 142 14.84 -2.39 5.62
C ILE A 142 16.07 -1.95 6.43
N LEU A 143 15.87 -1.07 7.42
CA LEU A 143 17.00 -0.64 8.23
C LEU A 143 17.56 -1.80 9.04
N TYR A 144 16.69 -2.59 9.65
CA TYR A 144 17.11 -3.81 10.34
C TYR A 144 17.97 -4.69 9.45
N GLU A 145 17.46 -5.06 8.27
CA GLU A 145 18.22 -5.96 7.41
C GLU A 145 19.51 -5.32 6.92
N PHE A 146 19.52 -4.00 6.72
CA PHE A 146 20.76 -3.36 6.27
C PHE A 146 21.82 -3.48 7.36
N ILE A 147 21.44 -3.17 8.60
CA ILE A 147 22.35 -3.35 9.73
C ILE A 147 22.89 -4.76 9.76
N LYS A 148 22.01 -5.75 9.54
CA LYS A 148 22.39 -7.13 9.78
C LYS A 148 23.19 -7.75 8.64
N SER A 149 23.07 -7.22 7.42
CA SER A 149 23.59 -7.93 6.26
C SER A 149 24.44 -7.08 5.32
N GLU A 150 24.56 -5.78 5.57
CA GLU A 150 25.33 -4.91 4.69
C GLU A 150 26.45 -4.27 5.48
N GLU A 151 27.41 -3.70 4.76
CA GLU A 151 28.62 -3.18 5.40
C GLU A 151 28.67 -1.66 5.51
N GLY A 152 27.90 -0.94 4.71
CA GLY A 152 28.04 0.51 4.66
C GLY A 152 27.27 1.24 5.74
N LYS A 153 27.09 2.53 5.51
CA LYS A 153 26.33 3.41 6.38
C LYS A 153 24.92 3.57 5.83
N ILE A 154 23.96 3.87 6.73
CA ILE A 154 22.59 4.12 6.32
C ILE A 154 22.11 5.42 6.95
N TYR A 155 21.77 6.39 6.11
CA TYR A 155 21.18 7.65 6.52
C TYR A 155 19.65 7.51 6.49
N CYS A 156 18.99 7.84 7.58
CA CYS A 156 17.54 7.67 7.67
C CYS A 156 16.92 9.06 7.81
N MET A 157 16.14 9.46 6.82
CA MET A 157 15.51 10.77 6.85
C MET A 157 14.12 10.68 7.47
N LEU A 158 13.89 11.45 8.51
CA LEU A 158 12.64 11.48 9.19
C LEU A 158 12.35 12.77 9.94
N ARG A 159 11.09 13.00 10.25
CA ARG A 159 10.68 14.14 11.05
C ARG A 159 10.84 13.83 12.54
N LYS A 160 11.10 14.87 13.34
CA LYS A 160 11.23 14.67 14.78
C LYS A 160 9.94 14.19 15.43
N GLY A 161 8.79 14.56 14.85
CA GLY A 161 7.51 14.18 15.44
C GLY A 161 7.34 14.72 16.84
N LYS A 162 6.85 13.87 17.73
CA LYS A 162 6.65 14.20 19.13
C LYS A 162 7.93 14.14 19.97
N PHE A 163 9.10 14.04 19.33
CA PHE A 163 10.36 13.82 20.01
C PHE A 163 11.22 15.07 19.96
N ASP A 164 12.20 15.12 20.87
CA ASP A 164 13.11 16.24 20.91
C ASP A 164 14.01 16.32 19.69
N SER A 165 14.22 15.19 19.01
CA SER A 165 15.10 15.11 17.86
C SER A 165 14.69 13.89 17.05
N CYS A 166 15.01 13.92 15.77
CA CYS A 166 14.71 12.75 14.96
C CYS A 166 15.55 11.56 15.41
N GLN A 167 16.70 11.79 16.05
CA GLN A 167 17.52 10.72 16.57
C GLN A 167 16.80 9.94 17.68
N GLU A 168 16.15 10.65 18.60
CA GLU A 168 15.41 9.97 19.66
C GLU A 168 14.21 9.22 19.10
N ARG A 169 13.53 9.79 18.10
CA ARG A 169 12.38 9.12 17.49
C ARG A 169 12.78 7.83 16.78
N LEU A 170 13.84 7.88 15.97
CA LEU A 170 14.31 6.66 15.31
C LEU A 170 14.74 5.62 16.34
N ILE A 171 15.41 6.03 17.42
CA ILE A 171 15.82 5.07 18.44
C ILE A 171 14.61 4.42 19.08
N ASP A 172 13.56 5.21 19.32
CA ASP A 172 12.36 4.67 19.96
C ASP A 172 11.65 3.67 19.07
N VAL A 173 11.55 3.97 17.77
CA VAL A 173 10.94 3.03 16.84
C VAL A 173 11.76 1.75 16.75
N MET A 174 13.10 1.89 16.69
CA MET A 174 13.98 0.73 16.63
C MET A 174 13.73 -0.19 17.82
N ASN A 175 13.66 0.38 19.03
CA ASN A 175 13.40 -0.44 20.20
C ASN A 175 11.98 -0.98 20.21
N ASP A 176 11.03 -0.24 19.64
CA ASP A 176 9.67 -0.75 19.48
C ASP A 176 9.63 -2.06 18.70
N TYR A 177 10.42 -2.16 17.63
CA TYR A 177 10.31 -3.29 16.70
C TYR A 177 11.33 -4.40 16.93
N PHE A 178 12.45 -4.13 17.58
CA PHE A 178 13.55 -5.08 17.60
C PHE A 178 13.76 -5.65 18.99
N ASP A 179 14.10 -6.94 19.02
CA ASP A 179 14.68 -7.56 20.21
C ASP A 179 16.10 -7.04 20.46
N GLU A 180 16.96 -7.08 19.44
CA GLU A 180 18.27 -6.47 19.54
C GLU A 180 18.16 -4.98 19.81
N ASP A 181 19.08 -4.47 20.60
CA ASP A 181 19.26 -3.04 20.79
C ASP A 181 20.40 -2.60 19.87
N PHE A 182 20.05 -1.93 18.77
CA PHE A 182 21.06 -1.38 17.88
C PHE A 182 21.26 0.13 18.09
N THR A 183 20.96 0.63 19.30
CA THR A 183 21.14 2.05 19.62
C THR A 183 22.59 2.48 19.46
N ASP A 184 23.52 1.63 19.90
CA ASP A 184 24.93 1.96 19.85
C ASP A 184 25.45 2.11 18.43
N LEU A 185 24.70 1.69 17.43
CA LEU A 185 25.14 1.97 16.06
C LEU A 185 24.71 3.34 15.60
N VAL A 186 23.78 3.99 16.30
CA VAL A 186 23.36 5.34 15.92
C VAL A 186 24.52 6.29 16.20
N GLY A 187 24.98 6.97 15.16
CA GLY A 187 26.17 7.77 15.20
C GLY A 187 27.35 7.17 14.47
N SER A 188 27.34 5.86 14.21
CA SER A 188 28.38 5.24 13.39
C SER A 188 27.77 4.66 12.13
N ARG A 189 27.03 3.56 12.20
CA ARG A 189 26.41 3.01 10.99
C ARG A 189 25.09 3.70 10.64
N ILE A 190 24.35 4.19 11.64
CA ILE A 190 23.02 4.76 11.43
C ILE A 190 23.09 6.27 11.62
N ILE A 191 22.74 7.02 10.58
CA ILE A 191 22.78 8.49 10.63
C ILE A 191 21.36 9.05 10.53
N PRO A 192 20.78 9.50 11.64
CA PRO A 192 19.47 10.17 11.56
C PRO A 192 19.59 11.55 10.91
N ILE A 193 18.70 11.84 9.96
CA ILE A 193 18.67 13.12 9.24
C ILE A 193 17.26 13.70 9.40
N GLU A 194 17.17 14.89 9.98
CA GLU A 194 15.87 15.54 10.09
C GLU A 194 15.42 15.98 8.70
N GLY A 195 14.27 15.50 8.27
CA GLY A 195 13.85 15.80 6.92
C GLY A 195 12.51 15.22 6.58
N ASP A 196 11.99 15.71 5.45
CA ASP A 196 10.65 15.43 4.94
C ASP A 196 10.80 15.37 3.43
N ILE A 197 10.45 14.25 2.81
CA ILE A 197 10.71 14.16 1.36
C ILE A 197 9.85 15.16 0.57
N THR A 198 8.78 15.71 1.16
CA THR A 198 7.95 16.69 0.45
C THR A 198 8.58 18.07 0.40
N GLU A 199 9.62 18.33 1.18
CA GLU A 199 10.40 19.56 1.12
C GLU A 199 11.72 19.24 0.44
N ILE A 200 11.91 19.80 -0.76
CA ILE A 200 13.12 19.51 -1.53
C ILE A 200 14.38 20.03 -0.84
N ASP A 201 14.28 21.17 -0.14
CA ASP A 201 15.46 21.74 0.51
C ASP A 201 16.03 20.82 1.57
N ASP A 202 15.20 19.98 2.19
CA ASP A 202 15.70 19.00 3.15
C ASP A 202 16.71 18.03 2.53
N PHE A 203 16.70 17.88 1.20
CA PHE A 203 17.71 17.06 0.54
C PHE A 203 19.05 17.76 0.42
N LYS A 204 19.04 19.10 0.44
CA LYS A 204 20.26 19.86 0.24
C LYS A 204 21.34 19.48 1.26
N GLN A 205 20.94 19.27 2.52
CA GLN A 205 21.91 18.91 3.55
C GLN A 205 22.65 17.61 3.28
N LEU A 206 22.17 16.78 2.34
CA LEU A 206 22.82 15.52 2.03
C LEU A 206 23.74 15.59 0.82
N GLU A 207 23.84 16.75 0.17
CA GLU A 207 24.58 16.78 -1.09
C GLU A 207 26.08 16.64 -0.90
N ASP A 208 26.59 16.74 0.32
CA ASP A 208 28.01 16.54 0.61
C ASP A 208 28.24 15.29 1.46
N GLU A 209 27.33 14.27 1.33
CA GLU A 209 27.42 12.99 2.04
C GLU A 209 27.66 11.86 1.04
N PRO A 210 28.47 10.87 1.41
CA PRO A 210 28.75 9.71 0.52
C PRO A 210 27.59 8.73 0.41
N ILE A 211 26.61 9.12 -0.41
CA ILE A 211 25.39 8.36 -0.62
C ILE A 211 25.45 7.68 -1.98
N ASP A 212 25.29 6.36 -1.99
CA ASP A 212 25.32 5.56 -3.19
C ASP A 212 23.95 5.09 -3.67
N THR A 213 23.02 4.84 -2.76
CA THR A 213 21.70 4.34 -3.13
C THR A 213 20.64 5.02 -2.30
N VAL A 214 19.60 5.56 -2.96
CA VAL A 214 18.40 6.00 -2.27
C VAL A 214 17.39 4.86 -2.31
N ILE A 215 16.84 4.48 -1.16
CA ILE A 215 15.71 3.57 -1.08
C ILE A 215 14.52 4.36 -0.54
N ASN A 216 13.52 4.55 -1.41
CA ASN A 216 12.36 5.39 -1.11
C ASN A 216 11.19 4.48 -0.75
N SER A 217 11.06 4.22 0.55
CA SER A 217 9.92 3.49 1.08
C SER A 217 8.92 4.40 1.78
N ALA A 218 9.22 5.69 1.92
CA ALA A 218 8.22 6.61 2.45
C ALA A 218 7.06 6.66 1.48
N ALA A 219 5.85 6.54 2.03
CA ALA A 219 4.59 6.51 1.29
C ALA A 219 3.45 6.74 2.26
N LEU A 220 2.37 7.33 1.75
CA LEU A 220 1.08 7.35 2.43
C LEU A 220 0.22 6.26 1.79
N VAL A 221 -0.04 5.17 2.52
CA VAL A 221 -0.66 3.99 1.91
C VAL A 221 -2.15 3.91 2.28
N LYS A 222 -2.84 5.05 2.32
CA LYS A 222 -4.29 5.02 2.43
C LYS A 222 -4.92 4.79 1.05
N HIS A 223 -5.85 3.83 0.97
CA HIS A 223 -6.50 3.53 -0.30
C HIS A 223 -7.56 4.56 -0.67
N TYR A 224 -8.09 5.30 0.29
CA TYR A 224 -9.11 6.32 0.05
C TYR A 224 -8.82 7.52 0.94
N THR A 225 -8.68 8.69 0.34
CA THR A 225 -8.45 9.92 1.08
C THR A 225 -9.29 11.03 0.47
N ALA A 226 -9.59 12.03 1.30
CA ALA A 226 -10.43 13.14 0.87
C ALA A 226 -9.67 14.30 0.26
N ASP A 227 -8.34 14.34 0.37
CA ASP A 227 -7.60 15.43 -0.27
C ASP A 227 -6.39 14.92 -1.04
N ASP A 228 -5.48 15.83 -1.41
CA ASP A 228 -4.42 15.49 -2.33
C ASP A 228 -3.04 15.40 -1.68
N TYR A 229 -2.99 15.29 -0.35
CA TYR A 229 -1.69 15.14 0.30
C TYR A 229 -1.01 13.85 -0.12
N ILE A 230 -1.81 12.81 -0.41
CA ILE A 230 -1.27 11.53 -0.86
C ILE A 230 -0.38 11.73 -2.08
N PHE A 231 -0.76 12.67 -2.96
CA PHE A 231 0.08 12.95 -4.12
C PHE A 231 1.34 13.73 -3.74
N ARG A 232 1.29 14.51 -2.65
CA ARG A 232 2.49 15.21 -2.23
C ARG A 232 3.54 14.24 -1.71
N VAL A 233 3.12 13.27 -0.91
CA VAL A 233 4.08 12.31 -0.36
C VAL A 233 4.50 11.32 -1.44
N ASN A 234 3.52 10.76 -2.16
CA ASN A 234 3.79 9.63 -3.04
C ASN A 234 4.32 10.04 -4.41
N VAL A 235 4.10 11.28 -4.83
CA VAL A 235 4.58 11.69 -6.15
C VAL A 235 5.64 12.78 -6.01
N ASP A 236 5.28 13.92 -5.39
CA ASP A 236 6.24 15.02 -5.26
C ASP A 236 7.47 14.56 -4.47
N GLY A 237 7.30 13.71 -3.46
CA GLY A 237 8.45 13.23 -2.71
C GLY A 237 9.37 12.37 -3.56
N VAL A 238 8.81 11.56 -4.45
CA VAL A 238 9.63 10.81 -5.40
C VAL A 238 10.35 11.76 -6.35
N ILE A 239 9.64 12.77 -6.86
CA ILE A 239 10.29 13.71 -7.77
C ILE A 239 11.46 14.40 -7.08
N ASN A 240 11.25 14.83 -5.83
CA ASN A 240 12.32 15.47 -5.08
C ASN A 240 13.50 14.51 -4.88
N GLY A 241 13.21 13.24 -4.56
CA GLY A 241 14.30 12.29 -4.37
C GLY A 241 15.06 12.01 -5.65
N LEU A 242 14.36 12.01 -6.77
CA LEU A 242 15.00 11.85 -8.07
C LEU A 242 15.87 13.04 -8.41
N LYS A 243 15.40 14.25 -8.13
CA LYS A 243 16.20 15.44 -8.37
C LYS A 243 17.48 15.40 -7.54
N PHE A 244 17.34 15.01 -6.26
CA PHE A 244 18.52 14.83 -5.43
C PHE A 244 19.46 13.80 -6.06
N ALA A 245 18.93 12.66 -6.49
CA ALA A 245 19.79 11.64 -7.09
C ALA A 245 20.49 12.15 -8.34
N GLN A 246 19.82 13.02 -9.10
CA GLN A 246 20.37 13.50 -10.37
C GLN A 246 21.48 14.53 -10.16
N THR A 247 21.49 15.21 -9.02
CA THR A 247 22.59 16.14 -8.77
C THR A 247 23.97 15.46 -8.80
N ARG A 248 24.04 14.14 -8.68
CA ARG A 248 25.30 13.41 -8.83
C ARG A 248 25.15 12.34 -9.91
N ASN A 249 26.28 11.87 -10.43
CA ASN A 249 26.28 10.95 -11.56
C ASN A 249 26.30 9.48 -11.12
N ASN A 250 26.27 9.21 -9.81
CA ASN A 250 26.49 7.84 -9.33
C ASN A 250 25.56 7.47 -8.18
N ILE A 251 24.34 7.99 -8.15
CA ILE A 251 23.37 7.65 -7.11
C ILE A 251 22.25 6.86 -7.77
N LYS A 252 22.16 5.57 -7.42
CA LYS A 252 21.00 4.74 -7.71
C LYS A 252 19.78 5.24 -6.96
N TYR A 253 18.60 5.16 -7.59
CA TYR A 253 17.33 5.47 -6.93
C TYR A 253 16.43 4.24 -6.99
N VAL A 254 16.13 3.67 -5.84
CA VAL A 254 15.27 2.50 -5.72
C VAL A 254 13.94 2.96 -5.13
N GLN A 255 12.88 2.85 -5.93
CA GLN A 255 11.54 3.20 -5.53
C GLN A 255 10.82 1.93 -5.08
N ILE A 256 10.23 1.95 -3.88
CA ILE A 256 9.35 0.87 -3.49
C ILE A 256 7.97 1.21 -4.02
N SER A 257 7.39 0.28 -4.78
CA SER A 257 6.12 0.53 -5.44
C SER A 257 5.11 -0.53 -5.02
N THR A 258 4.01 -0.65 -5.75
CA THR A 258 2.99 -1.62 -5.42
C THR A 258 2.66 -2.43 -6.67
N ILE A 259 2.41 -3.72 -6.46
CA ILE A 259 1.92 -4.58 -7.54
C ILE A 259 0.58 -4.10 -8.05
N SER A 260 -0.16 -3.31 -7.26
CA SER A 260 -1.49 -2.88 -7.65
C SER A 260 -1.49 -1.90 -8.82
N VAL A 261 -0.33 -1.45 -9.31
CA VAL A 261 -0.36 -0.60 -10.48
C VAL A 261 -0.81 -1.38 -11.70
N LEU A 262 -0.56 -2.70 -11.72
CA LEU A 262 -1.21 -3.58 -12.70
C LEU A 262 -2.62 -3.89 -12.17
N SER A 263 -3.51 -2.93 -12.35
CA SER A 263 -4.73 -2.87 -11.55
C SER A 263 -5.88 -3.67 -12.15
N SER A 264 -5.89 -3.92 -13.46
CA SER A 264 -7.08 -4.45 -14.11
C SER A 264 -6.70 -4.79 -15.55
N TYR A 265 -7.63 -5.46 -16.24
CA TYR A 265 -7.53 -5.53 -17.69
C TYR A 265 -7.59 -4.12 -18.27
N SER A 266 -7.05 -3.99 -19.49
CA SER A 266 -7.09 -2.71 -20.18
C SER A 266 -8.53 -2.23 -20.33
N LEU A 267 -8.74 -0.92 -20.08
CA LEU A 267 -10.03 -0.30 -20.39
C LEU A 267 -10.19 -0.05 -21.89
N ASN A 268 -9.15 -0.31 -22.69
CA ASN A 268 -9.15 -0.05 -24.12
C ASN A 268 -8.41 -1.20 -24.80
N GLU A 269 -8.99 -2.40 -24.74
CA GLU A 269 -8.29 -3.58 -25.24
C GLU A 269 -7.93 -3.44 -26.70
N GLU A 270 -8.70 -2.65 -27.46
CA GLU A 270 -8.40 -2.44 -28.88
C GLU A 270 -7.01 -1.85 -29.07
N ALA A 271 -6.56 -1.00 -28.14
CA ALA A 271 -5.29 -0.29 -28.26
C ALA A 271 -4.12 -1.04 -27.64
N TYR A 272 -4.37 -2.11 -26.86
CA TYR A 272 -3.32 -2.88 -26.21
C TYR A 272 -3.65 -4.35 -26.37
N PRO A 273 -3.45 -4.88 -27.57
CA PRO A 273 -3.80 -6.28 -27.81
C PRO A 273 -2.70 -7.21 -27.32
N ASN A 274 -3.13 -8.38 -26.84
CA ASN A 274 -2.20 -9.39 -26.32
C ASN A 274 -1.32 -8.83 -25.20
N GLN A 275 -1.93 -8.09 -24.28
CA GLN A 275 -1.17 -7.46 -23.20
C GLN A 275 -0.79 -8.49 -22.14
N GLU A 276 0.47 -8.42 -21.72
CA GLU A 276 1.00 -9.19 -20.60
C GLU A 276 1.11 -8.27 -19.39
N TYR A 277 1.15 -8.88 -18.21
CA TYR A 277 1.14 -8.14 -16.96
C TYR A 277 2.32 -8.65 -16.13
N ASP A 278 3.50 -8.14 -16.45
CA ASP A 278 4.73 -8.64 -15.86
C ASP A 278 5.67 -7.46 -15.58
N GLU A 279 6.91 -7.79 -15.26
CA GLU A 279 7.97 -6.84 -14.90
C GLU A 279 8.42 -5.95 -16.07
N ARG A 280 7.85 -6.16 -17.27
CA ARG A 280 8.12 -5.30 -18.41
C ARG A 280 6.90 -4.45 -18.78
N THR A 281 5.93 -4.34 -17.87
CA THR A 281 4.69 -3.62 -18.12
C THR A 281 4.60 -2.38 -17.24
N LEU A 282 4.28 -1.24 -17.85
CA LEU A 282 3.88 -0.07 -17.06
C LEU A 282 2.46 0.31 -17.41
N TYR A 283 2.26 0.98 -18.54
CA TYR A 283 0.97 1.56 -18.89
C TYR A 283 0.31 0.81 -20.03
N TYR A 284 -0.95 0.42 -19.83
CA TYR A 284 -1.77 -0.17 -20.89
C TYR A 284 -3.23 0.26 -20.75
N GLU A 285 -3.48 1.48 -20.26
CA GLU A 285 -4.84 2.00 -20.00
C GLU A 285 -5.63 1.10 -19.06
N GLN A 286 -4.96 0.67 -17.98
CA GLN A 286 -5.63 -0.01 -16.89
C GLN A 286 -6.38 1.01 -16.03
N ASP A 287 -7.23 0.50 -15.16
CA ASP A 287 -8.04 1.35 -14.27
C ASP A 287 -7.13 2.00 -13.23
N LEU A 288 -6.98 3.31 -13.31
CA LEU A 288 -6.15 4.09 -12.40
C LEU A 288 -6.96 5.14 -11.67
N GLU A 289 -8.22 4.82 -11.36
CA GLU A 289 -9.06 5.84 -10.74
C GLU A 289 -8.73 6.00 -9.26
N ASN A 290 -8.39 4.91 -8.59
CA ASN A 290 -8.06 4.96 -7.17
C ASN A 290 -6.83 5.83 -6.94
N LYS A 291 -6.89 6.66 -5.90
CA LYS A 291 -5.88 7.69 -5.71
C LYS A 291 -4.52 7.11 -5.33
N TYR A 292 -4.51 6.01 -4.56
CA TYR A 292 -3.23 5.46 -4.13
C TYR A 292 -2.54 4.75 -5.27
N VAL A 293 -3.28 3.92 -6.01
CA VAL A 293 -2.73 3.26 -7.18
C VAL A 293 -2.26 4.30 -8.19
N CYS A 294 -3.03 5.38 -8.35
CA CYS A 294 -2.67 6.41 -9.32
C CYS A 294 -1.37 7.11 -8.93
N SER A 295 -1.26 7.54 -7.66
CA SER A 295 -0.04 8.20 -7.22
C SER A 295 1.18 7.28 -7.36
N LYS A 296 1.04 5.99 -7.04
CA LYS A 296 2.19 5.10 -7.20
C LYS A 296 2.56 4.95 -8.67
N PHE A 297 1.55 4.87 -9.55
CA PHE A 297 1.81 4.78 -10.98
C PHE A 297 2.57 6.00 -11.48
N LEU A 298 2.13 7.20 -11.05
CA LEU A 298 2.81 8.43 -11.48
C LEU A 298 4.24 8.47 -10.96
N ALA A 299 4.45 7.95 -9.75
CA ALA A 299 5.82 7.85 -9.25
C ALA A 299 6.67 6.91 -10.10
N GLU A 300 6.12 5.75 -10.48
CA GLU A 300 6.85 4.81 -11.32
C GLU A 300 7.24 5.47 -12.63
N ARG A 301 6.30 6.18 -13.24
CA ARG A 301 6.59 6.85 -14.51
C ARG A 301 7.68 7.90 -14.35
N ALA A 302 7.67 8.65 -13.24
CA ALA A 302 8.75 9.62 -13.01
C ALA A 302 10.11 8.91 -12.89
N VAL A 303 10.12 7.78 -12.19
CA VAL A 303 11.38 7.05 -11.98
C VAL A 303 11.93 6.57 -13.30
N LEU A 304 11.07 5.94 -14.12
CA LEU A 304 11.52 5.43 -15.42
C LEU A 304 11.87 6.56 -16.40
N GLN A 305 11.17 7.70 -16.34
CA GLN A 305 11.57 8.87 -17.11
C GLN A 305 13.01 9.28 -16.80
N ALA A 306 13.32 9.47 -15.50
CA ALA A 306 14.69 9.80 -15.12
C ALA A 306 15.67 8.75 -15.63
N ALA A 307 15.24 7.48 -15.65
CA ALA A 307 16.10 6.44 -16.22
C ALA A 307 16.34 6.67 -17.70
N THR A 308 15.32 7.12 -18.44
CA THR A 308 15.52 7.41 -19.86
C THR A 308 16.49 8.55 -20.04
N LYS A 309 16.69 9.36 -19.00
CA LYS A 309 17.73 10.38 -19.07
C LYS A 309 19.08 9.91 -18.50
N GLY A 310 19.17 8.69 -18.01
CA GLY A 310 20.46 8.15 -17.59
C GLY A 310 20.61 7.88 -16.11
N LEU A 311 19.62 8.18 -15.29
CA LEU A 311 19.68 7.80 -13.88
C LEU A 311 19.56 6.27 -13.73
N PRO A 312 20.46 5.63 -13.00
CA PRO A 312 20.23 4.21 -12.65
C PRO A 312 19.11 4.08 -11.62
N VAL A 313 18.09 3.26 -11.93
CA VAL A 313 16.91 3.15 -11.08
C VAL A 313 16.44 1.71 -10.99
N LYS A 314 15.71 1.44 -9.90
CA LYS A 314 14.95 0.22 -9.72
C LYS A 314 13.56 0.57 -9.21
N ILE A 315 12.60 -0.21 -9.66
CA ILE A 315 11.25 -0.15 -9.14
C ILE A 315 10.92 -1.54 -8.62
N ILE A 316 10.68 -1.63 -7.32
CA ILE A 316 10.42 -2.89 -6.65
C ILE A 316 8.94 -2.86 -6.23
N ARG A 317 8.07 -3.51 -7.00
CA ARG A 317 6.66 -3.61 -6.62
C ARG A 317 6.46 -4.65 -5.52
N VAL A 318 5.91 -4.24 -4.39
CA VAL A 318 5.64 -5.17 -3.30
C VAL A 318 4.13 -5.42 -3.22
N GLY A 319 3.76 -6.44 -2.44
CA GLY A 319 2.39 -6.87 -2.42
C GLY A 319 1.70 -6.67 -1.09
N ASN A 320 1.31 -7.77 -0.46
CA ASN A 320 0.55 -7.79 0.80
C ASN A 320 1.54 -7.89 1.96
N LEU A 321 1.93 -6.74 2.51
CA LEU A 321 2.99 -6.67 3.52
C LEU A 321 2.48 -7.18 4.86
N MET A 322 3.00 -8.32 5.28
CA MET A 322 2.48 -9.04 6.45
C MET A 322 3.56 -9.21 7.53
N SER A 323 3.14 -9.82 8.63
CA SER A 323 3.96 -9.92 9.84
C SER A 323 5.24 -10.71 9.59
N ARG A 324 6.25 -10.41 10.42
CA ARG A 324 7.54 -11.10 10.35
C ARG A 324 7.37 -12.60 10.36
N TYR A 325 8.15 -13.27 9.51
CA TYR A 325 8.20 -14.71 9.52
C TYR A 325 8.77 -15.25 10.84
N SER A 326 9.76 -14.54 11.39
CA SER A 326 10.48 -15.08 12.54
C SER A 326 9.60 -15.16 13.76
N ASP A 327 8.86 -14.08 14.06
CA ASP A 327 8.14 -14.00 15.32
C ASP A 327 6.72 -13.48 15.22
N GLY A 328 6.20 -13.23 14.01
CA GLY A 328 4.81 -12.83 13.85
C GLY A 328 4.50 -11.38 14.15
N VAL A 329 5.51 -10.53 14.34
CA VAL A 329 5.26 -9.16 14.73
C VAL A 329 4.78 -8.38 13.52
N PHE A 330 3.70 -7.63 13.69
CA PHE A 330 3.07 -6.80 12.67
C PHE A 330 3.35 -5.33 12.98
N GLN A 331 2.76 -4.44 12.19
CA GLN A 331 3.08 -3.01 12.31
C GLN A 331 2.52 -2.43 13.62
N LYS A 332 3.11 -1.31 14.05
CA LYS A 332 2.60 -0.62 15.25
C LYS A 332 1.12 -0.28 15.11
N ASN A 333 0.71 0.25 13.96
CA ASN A 333 -0.71 0.58 13.74
C ASN A 333 -1.43 -0.61 13.10
N TYR A 334 -1.48 -1.71 13.86
CA TYR A 334 -2.04 -2.98 13.37
C TYR A 334 -3.50 -2.87 12.94
N ASP A 335 -4.19 -1.81 13.36
CA ASP A 335 -5.63 -1.72 13.18
CA ASP A 335 -5.63 -1.66 13.19
C ASP A 335 -6.04 -1.24 11.79
N THR A 336 -5.10 -0.73 11.00
CA THR A 336 -5.41 -0.03 9.75
C THR A 336 -5.23 -0.86 8.48
N ASN A 337 -4.82 -2.12 8.60
CA ASN A 337 -4.57 -2.95 7.43
C ASN A 337 -5.87 -3.48 6.84
N ALA A 338 -6.08 -3.30 5.52
CA ALA A 338 -7.33 -3.68 4.89
C ALA A 338 -7.48 -5.20 4.76
N PHE A 339 -6.41 -5.91 4.39
CA PHE A 339 -6.48 -7.36 4.30
C PHE A 339 -6.87 -7.98 5.65
N LEU A 340 -6.20 -7.53 6.72
CA LEU A 340 -6.52 -8.08 8.03
C LEU A 340 -7.91 -7.67 8.50
N ASN A 341 -8.38 -6.45 8.18
CA ASN A 341 -9.71 -6.07 8.63
C ASN A 341 -10.80 -6.84 7.90
N ASN A 342 -10.54 -7.18 6.63
CA ASN A 342 -11.43 -8.07 5.91
C ASN A 342 -11.50 -9.43 6.58
N ILE A 343 -10.33 -9.99 6.96
CA ILE A 343 -10.30 -11.23 7.76
C ILE A 343 -11.07 -11.07 9.08
N LYS A 344 -10.95 -9.89 9.72
CA LYS A 344 -11.67 -9.66 10.96
C LYS A 344 -13.17 -9.73 10.73
N THR A 345 -13.65 -9.14 9.64
CA THR A 345 -15.07 -9.20 9.36
C THR A 345 -15.51 -10.64 9.15
N ILE A 346 -14.70 -11.42 8.42
CA ILE A 346 -15.06 -12.82 8.20
C ILE A 346 -15.18 -13.54 9.54
N LYS A 347 -14.26 -13.23 10.46
CA LYS A 347 -14.33 -13.84 11.77
C LYS A 347 -15.60 -13.40 12.53
N LYS A 348 -15.93 -12.11 12.47
CA LYS A 348 -17.08 -11.62 13.22
C LYS A 348 -18.38 -12.24 12.71
N LEU A 349 -18.58 -12.23 11.39
CA LEU A 349 -19.72 -12.94 10.82
C LEU A 349 -19.62 -14.45 11.01
N GLY A 350 -18.42 -14.98 11.25
CA GLY A 350 -18.26 -16.42 11.27
C GLY A 350 -18.52 -17.11 9.95
N ALA A 351 -18.38 -16.41 8.83
CA ALA A 351 -18.69 -17.02 7.54
C ALA A 351 -17.99 -16.27 6.42
N MET A 352 -17.79 -16.97 5.30
CA MET A 352 -17.36 -16.39 4.04
C MET A 352 -18.04 -17.16 2.93
N ASN A 353 -18.34 -16.48 1.82
CA ASN A 353 -18.93 -17.17 0.68
C ASN A 353 -17.81 -17.84 -0.14
N PRO A 354 -18.15 -18.61 -1.19
CA PRO A 354 -17.10 -19.36 -1.88
C PRO A 354 -16.11 -18.47 -2.63
N ALA A 355 -16.56 -17.35 -3.22
CA ALA A 355 -15.61 -16.46 -3.89
C ALA A 355 -14.59 -15.91 -2.91
N MET A 356 -15.06 -15.53 -1.71
CA MET A 356 -14.16 -15.06 -0.66
C MET A 356 -13.19 -16.16 -0.25
N ALA A 357 -13.70 -17.37 0.01
CA ALA A 357 -12.86 -18.48 0.42
C ALA A 357 -11.75 -18.75 -0.59
N SER A 358 -12.07 -18.65 -1.89
CA SER A 358 -11.10 -19.02 -2.93
C SER A 358 -10.09 -17.94 -3.25
N GLU A 359 -10.31 -16.71 -2.80
CA GLU A 359 -9.40 -15.62 -3.14
C GLU A 359 -8.00 -15.91 -2.61
N LYS A 360 -7.03 -15.94 -3.53
CA LYS A 360 -5.64 -16.18 -3.22
C LYS A 360 -4.95 -14.90 -2.80
N VAL A 361 -3.90 -15.03 -1.98
CA VAL A 361 -3.11 -13.88 -1.59
C VAL A 361 -1.68 -14.31 -1.35
N ASP A 362 -0.75 -13.40 -1.66
CA ASP A 362 0.61 -13.48 -1.14
C ASP A 362 0.65 -13.03 0.30
N MET A 363 1.39 -13.75 1.13
CA MET A 363 1.72 -13.29 2.47
C MET A 363 3.20 -12.95 2.44
N SER A 364 3.48 -11.69 2.12
CA SER A 364 4.86 -11.22 1.96
C SER A 364 5.37 -10.80 3.33
N GLN A 365 6.04 -11.72 4.02
CA GLN A 365 6.54 -11.47 5.37
C GLN A 365 7.56 -10.34 5.36
N ILE A 366 7.34 -9.33 6.22
CA ILE A 366 8.02 -8.04 6.11
C ILE A 366 9.54 -8.19 6.23
N ASP A 367 10.03 -9.17 7.01
CA ASP A 367 11.48 -9.33 7.10
C ASP A 367 12.03 -9.88 5.80
N TYR A 368 11.26 -10.75 5.14
CA TYR A 368 11.71 -11.22 3.84
C TYR A 368 11.47 -10.19 2.72
N VAL A 369 10.44 -9.33 2.84
CA VAL A 369 10.34 -8.23 1.89
C VAL A 369 11.59 -7.37 1.95
N ALA A 370 12.03 -7.04 3.16
CA ALA A 370 13.21 -6.17 3.28
C ALA A 370 14.48 -6.86 2.76
N LYS A 371 14.67 -8.14 3.10
CA LYS A 371 15.78 -8.89 2.52
C LYS A 371 15.75 -8.86 0.98
N GLY A 372 14.56 -9.08 0.40
CA GLY A 372 14.47 -9.09 -1.04
C GLY A 372 14.70 -7.73 -1.67
N ILE A 373 14.33 -6.64 -0.98
CA ILE A 373 14.60 -5.31 -1.49
C ILE A 373 16.10 -5.07 -1.52
N LEU A 374 16.78 -5.45 -0.44
CA LEU A 374 18.23 -5.28 -0.41
C LEU A 374 18.91 -6.12 -1.48
N ALA A 375 18.41 -7.33 -1.76
CA ALA A 375 19.04 -8.17 -2.79
C ALA A 375 18.80 -7.59 -4.18
N LEU A 376 17.57 -7.20 -4.47
CA LEU A 376 17.25 -6.71 -5.81
C LEU A 376 17.90 -5.37 -6.09
N SER A 377 18.26 -4.60 -5.05
CA SER A 377 18.93 -3.33 -5.30
C SER A 377 20.32 -3.51 -5.93
N LYS A 378 20.91 -4.70 -5.82
CA LYS A 378 22.24 -4.99 -6.37
C LYS A 378 22.23 -5.59 -7.78
N THR A 379 21.05 -5.78 -8.39
CA THR A 379 20.96 -6.36 -9.73
C THR A 379 21.57 -5.41 -10.78
N PRO A 380 21.88 -5.91 -11.99
CA PRO A 380 22.52 -5.05 -13.02
C PRO A 380 21.63 -3.89 -13.47
N GLU A 381 22.28 -2.90 -14.11
CA GLU A 381 21.61 -1.66 -14.50
C GLU A 381 20.32 -1.89 -15.32
N LYS A 382 20.34 -2.85 -16.25
CA LYS A 382 19.14 -3.07 -17.08
C LYS A 382 18.02 -3.79 -16.33
N SER A 383 18.28 -4.36 -15.16
CA SER A 383 17.22 -5.01 -14.38
C SER A 383 16.54 -3.93 -13.56
N ARG A 384 15.43 -3.40 -14.09
CA ARG A 384 14.85 -2.19 -13.52
C ARG A 384 13.59 -2.39 -12.70
N VAL A 385 12.80 -3.44 -12.92
CA VAL A 385 11.48 -3.56 -12.32
C VAL A 385 11.31 -4.96 -11.78
N PHE A 386 10.84 -5.07 -10.55
CA PHE A 386 10.69 -6.38 -9.93
C PHE A 386 9.34 -6.50 -9.26
N HIS A 387 8.86 -7.75 -9.16
CA HIS A 387 7.64 -8.13 -8.47
C HIS A 387 8.03 -8.91 -7.22
N CYS A 388 8.28 -8.18 -6.14
CA CYS A 388 8.90 -8.75 -4.95
C CYS A 388 7.81 -9.11 -3.95
N MET A 389 7.25 -10.30 -4.09
CA MET A 389 6.18 -10.78 -3.24
C MET A 389 6.26 -12.30 -3.15
N ASN A 390 5.76 -12.82 -2.02
CA ASN A 390 5.77 -14.25 -1.74
C ASN A 390 5.03 -15.05 -2.81
N ASN A 391 5.74 -15.86 -3.58
CA ASN A 391 5.12 -16.55 -4.70
C ASN A 391 4.32 -17.78 -4.27
N HIS A 392 4.41 -18.19 -3.02
CA HIS A 392 3.60 -19.32 -2.52
C HIS A 392 2.27 -18.79 -1.98
N TYR A 393 1.35 -18.50 -2.91
CA TYR A 393 0.05 -17.93 -2.55
C TYR A 393 -0.77 -18.93 -1.73
N ILE A 394 -1.54 -18.40 -0.78
CA ILE A 394 -2.49 -19.18 -0.01
C ILE A 394 -3.88 -18.65 -0.31
N SER A 395 -4.89 -19.39 0.13
CA SER A 395 -6.27 -18.93 -0.01
C SER A 395 -6.85 -18.58 1.34
N HIS A 396 -8.07 -18.05 1.34
CA HIS A 396 -8.72 -17.71 2.60
C HIS A 396 -9.20 -18.95 3.32
N ARG A 397 -9.24 -20.11 2.66
CA ARG A 397 -9.45 -21.35 3.39
C ARG A 397 -8.23 -21.68 4.23
N ASP A 398 -7.03 -21.40 3.72
CA ASP A 398 -5.83 -21.57 4.53
C ASP A 398 -5.87 -20.67 5.75
N ILE A 399 -6.25 -19.41 5.52
CA ILE A 399 -6.28 -18.46 6.63
C ILE A 399 -7.34 -18.87 7.64
N VAL A 400 -8.53 -19.26 7.17
CA VAL A 400 -9.60 -19.64 8.09
C VAL A 400 -9.28 -20.96 8.79
N ASP A 401 -8.58 -21.89 8.14
CA ASP A 401 -8.13 -23.09 8.84
C ASP A 401 -7.23 -22.71 10.01
N ALA A 402 -6.33 -21.74 9.81
CA ALA A 402 -5.50 -21.28 10.92
C ALA A 402 -6.33 -20.57 12.00
N LEU A 403 -7.28 -19.73 11.60
CA LEU A 403 -8.08 -19.01 12.60
C LEU A 403 -8.95 -19.95 13.41
N ASN A 404 -9.47 -21.02 12.80
CA ASN A 404 -10.37 -21.90 13.53
C ASN A 404 -9.66 -22.73 14.61
N THR A 405 -8.33 -22.77 14.64
CA THR A 405 -7.68 -23.44 15.77
C THR A 405 -7.83 -22.66 17.06
N TYR A 406 -8.32 -21.42 16.99
CA TYR A 406 -8.66 -20.65 18.18
C TYR A 406 -10.11 -20.87 18.62
N GLY A 407 -10.85 -21.74 17.94
CA GLY A 407 -12.24 -21.99 18.26
C GLY A 407 -13.23 -21.00 17.68
N TYR A 408 -12.88 -20.27 16.64
CA TYR A 408 -13.80 -19.27 16.10
C TYR A 408 -14.93 -19.86 15.26
N GLY A 409 -14.81 -21.12 14.83
CA GLY A 409 -15.91 -21.78 14.13
C GLY A 409 -16.34 -21.14 12.82
N ILE A 410 -15.42 -20.51 12.10
CA ILE A 410 -15.75 -19.85 10.84
C ILE A 410 -16.04 -20.89 9.77
N GLU A 411 -17.11 -20.69 9.00
CA GLU A 411 -17.59 -21.66 8.03
C GLU A 411 -17.59 -21.06 6.63
N GLU A 412 -17.23 -21.87 5.63
CA GLU A 412 -17.52 -21.51 4.24
C GLU A 412 -18.98 -21.80 3.95
N VAL A 413 -19.72 -20.80 3.50
CA VAL A 413 -21.15 -20.92 3.28
C VAL A 413 -21.42 -20.54 1.83
N ASP A 414 -22.59 -20.91 1.34
CA ASP A 414 -22.92 -20.56 -0.04
C ASP A 414 -23.27 -19.08 -0.15
N PHE A 415 -23.41 -18.62 -1.40
CA PHE A 415 -23.61 -17.20 -1.66
C PHE A 415 -24.86 -16.67 -1.00
N GLU A 416 -25.98 -17.42 -1.10
CA GLU A 416 -27.24 -16.96 -0.53
C GLU A 416 -27.16 -16.86 0.99
N GLU A 417 -26.61 -17.91 1.61
CA GLU A 417 -26.47 -17.91 3.06
C GLU A 417 -25.60 -16.75 3.53
N PHE A 418 -24.51 -16.50 2.80
CA PHE A 418 -23.60 -15.42 3.14
C PHE A 418 -24.35 -14.09 3.15
N LYS A 419 -25.30 -13.95 2.22
CA LYS A 419 -26.09 -12.73 2.12
C LYS A 419 -26.98 -12.58 3.35
N GLN A 420 -27.62 -13.68 3.74
CA GLN A 420 -28.50 -13.67 4.90
C GLN A 420 -27.72 -13.25 6.15
N ILE A 421 -26.51 -13.77 6.28
CA ILE A 421 -25.65 -13.45 7.42
C ILE A 421 -25.19 -12.01 7.32
N TYR A 422 -24.90 -11.56 6.10
CA TYR A 422 -24.46 -10.19 5.86
C TYR A 422 -25.58 -9.22 6.18
N GLU A 423 -26.78 -9.53 5.73
CA GLU A 423 -27.94 -8.69 5.97
C GLU A 423 -28.17 -8.52 7.46
N GLN A 424 -28.01 -9.63 8.20
CA GLN A 424 -28.19 -9.61 9.64
C GLN A 424 -27.04 -8.92 10.38
N ASN A 425 -26.00 -8.44 9.70
CA ASN A 425 -24.90 -7.79 10.41
C ASN A 425 -24.59 -6.39 9.86
N MET A 426 -25.62 -5.59 9.66
CA MET A 426 -25.45 -4.21 9.21
C MET A 426 -25.02 -3.31 10.37
N ASN A 427 -23.81 -3.56 10.85
CA ASN A 427 -23.25 -2.84 11.99
C ASN A 427 -21.73 -2.80 11.92
N GLU A 428 -21.06 -2.67 13.07
CA GLU A 428 -19.59 -2.52 13.06
C GLU A 428 -18.90 -3.75 12.50
N ASN A 429 -19.56 -4.92 12.60
CA ASN A 429 -18.96 -6.18 12.21
C ASN A 429 -18.50 -6.19 10.76
N ILE A 430 -19.15 -5.43 9.87
CA ILE A 430 -18.78 -5.45 8.46
C ILE A 430 -17.93 -4.25 8.06
N GLN A 431 -17.51 -3.45 9.05
CA GLN A 431 -16.64 -2.30 8.78
C GLN A 431 -15.48 -2.70 7.90
N GLY A 432 -14.81 -3.80 8.25
CA GLY A 432 -13.70 -4.34 7.49
C GLY A 432 -14.03 -4.36 6.01
N ILE A 433 -15.01 -5.17 5.62
CA ILE A 433 -15.22 -5.31 4.19
C ILE A 433 -15.74 -4.00 3.61
N ILE A 434 -16.42 -3.18 4.43
CA ILE A 434 -16.92 -1.92 3.92
C ILE A 434 -15.76 -0.99 3.60
N THR A 435 -14.76 -0.90 4.49
CA THR A 435 -13.69 0.05 4.20
C THR A 435 -12.79 -0.46 3.08
N ALA A 436 -12.96 -1.72 2.69
CA ALA A 436 -12.32 -2.31 1.54
C ALA A 436 -13.15 -2.17 0.27
N ASP A 437 -14.14 -1.27 0.26
CA ASP A 437 -14.99 -0.96 -0.88
C ASP A 437 -15.87 -2.14 -1.30
N PHE A 438 -16.18 -3.04 -0.36
CA PHE A 438 -17.06 -4.16 -0.65
C PHE A 438 -18.47 -3.67 -0.98
N SER A 439 -19.14 -4.44 -1.83
CA SER A 439 -20.57 -4.33 -2.05
C SER A 439 -21.08 -5.74 -2.32
N ILE A 440 -22.21 -6.08 -1.71
CA ILE A 440 -22.76 -7.42 -1.86
C ILE A 440 -22.97 -7.77 -3.34
N ASP A 441 -23.10 -6.76 -4.21
CA ASP A 441 -23.28 -7.01 -5.64
C ASP A 441 -21.97 -7.31 -6.35
N ASP A 442 -20.81 -7.04 -5.72
CA ASP A 442 -19.54 -7.27 -6.36
C ASP A 442 -19.33 -8.73 -6.77
N PHE A 443 -20.17 -9.66 -6.30
CA PHE A 443 -20.08 -11.07 -6.66
C PHE A 443 -20.89 -11.43 -7.90
N PHE A 449 -8.91 -11.27 -13.08
CA PHE A 449 -7.73 -10.60 -13.63
C PHE A 449 -6.41 -10.85 -12.89
N GLU A 450 -6.42 -10.72 -11.55
CA GLU A 450 -5.16 -10.74 -10.81
C GLU A 450 -4.40 -12.05 -11.00
N GLU A 451 -5.12 -13.14 -11.27
CA GLU A 451 -4.48 -14.42 -11.56
C GLU A 451 -3.49 -14.33 -12.71
N ASN A 452 -3.57 -13.27 -13.52
CA ASN A 452 -2.74 -13.12 -14.72
C ASN A 452 -1.51 -12.27 -14.50
N VAL A 453 -1.30 -11.75 -13.29
CA VAL A 453 -0.07 -11.03 -13.01
C VAL A 453 1.07 -12.02 -12.87
N GLU A 454 2.14 -11.83 -13.63
CA GLU A 454 3.29 -12.71 -13.51
C GLU A 454 4.39 -12.11 -12.67
N ILE A 455 4.97 -12.97 -11.83
CA ILE A 455 6.08 -12.62 -10.94
C ILE A 455 7.24 -13.59 -11.09
N GLU A 456 7.15 -14.55 -12.01
CA GLU A 456 8.13 -15.62 -12.08
C GLU A 456 9.53 -15.10 -12.36
N GLN A 457 9.65 -14.10 -13.24
CA GLN A 457 10.99 -13.57 -13.49
C GLN A 457 11.63 -13.14 -12.19
N THR A 458 10.89 -12.40 -11.36
CA THR A 458 11.49 -11.93 -10.12
C THR A 458 11.81 -13.11 -9.21
N VAL A 459 10.91 -14.08 -9.13
CA VAL A 459 11.20 -15.29 -8.36
C VAL A 459 12.55 -15.84 -8.81
N ASP A 460 12.73 -15.97 -10.13
CA ASP A 460 13.93 -16.60 -10.64
C ASP A 460 15.15 -15.80 -10.24
N ILE A 461 15.04 -14.48 -10.40
CA ILE A 461 16.20 -13.63 -10.13
C ILE A 461 16.54 -13.72 -8.66
N LEU A 462 15.52 -13.65 -7.80
CA LEU A 462 15.77 -13.75 -6.37
C LEU A 462 16.43 -15.09 -6.05
N HIS A 463 15.96 -16.15 -6.70
CA HIS A 463 16.54 -17.44 -6.40
C HIS A 463 18.00 -17.48 -6.81
N SER A 464 18.31 -16.91 -7.98
CA SER A 464 19.70 -16.85 -8.40
C SER A 464 20.53 -16.08 -7.38
N LEU A 465 19.92 -15.13 -6.69
CA LEU A 465 20.60 -14.32 -5.68
C LEU A 465 20.63 -14.97 -4.31
N GLY A 466 20.12 -16.19 -4.18
CA GLY A 466 20.13 -16.89 -2.92
C GLY A 466 18.90 -16.72 -2.06
N PHE A 467 17.80 -16.22 -2.63
CA PHE A 467 16.60 -15.87 -1.87
C PHE A 467 15.45 -16.74 -2.37
N ASP A 468 14.83 -17.48 -1.46
CA ASP A 468 13.55 -18.15 -1.71
C ASP A 468 12.54 -17.63 -0.69
N TRP A 469 11.25 -17.57 -1.09
CA TRP A 469 10.27 -17.10 -0.10
C TRP A 469 9.87 -18.22 0.84
N PRO A 470 9.76 -17.96 2.15
CA PRO A 470 9.27 -18.99 3.05
C PRO A 470 7.76 -19.14 2.93
N GLU A 471 7.29 -20.37 3.01
CA GLU A 471 5.86 -20.64 2.90
C GLU A 471 5.12 -20.04 4.08
N ALA A 472 3.96 -19.45 3.80
CA ALA A 472 3.06 -18.99 4.85
C ALA A 472 2.21 -20.18 5.31
N ASP A 473 2.88 -21.14 5.97
CA ASP A 473 2.22 -22.32 6.49
C ASP A 473 1.43 -22.00 7.77
N GLU A 474 0.75 -23.04 8.29
CA GLU A 474 -0.11 -22.87 9.46
C GLU A 474 0.66 -22.30 10.64
N GLU A 475 1.86 -22.82 10.90
CA GLU A 475 2.68 -22.31 11.99
C GLU A 475 2.93 -20.82 11.83
N TYR A 476 3.31 -20.39 10.62
CA TYR A 476 3.51 -18.96 10.43
C TYR A 476 2.23 -18.20 10.71
N LEU A 477 1.10 -18.70 10.16
CA LEU A 477 -0.16 -18.03 10.39
C LEU A 477 -0.49 -18.00 11.87
N LYS A 478 -0.14 -19.06 12.61
CA LYS A 478 -0.43 -19.03 14.04
C LYS A 478 0.42 -17.97 14.73
N ARG A 479 1.71 -17.90 14.37
CA ARG A 479 2.55 -16.82 14.89
C ARG A 479 1.88 -15.49 14.63
N LEU A 480 1.38 -15.31 13.40
CA LEU A 480 0.79 -14.03 13.03
C LEU A 480 -0.43 -13.75 13.90
N PHE A 481 -1.31 -14.75 14.01
CA PHE A 481 -2.53 -14.50 14.75
C PHE A 481 -2.25 -14.43 16.23
N ASP A 482 -1.23 -15.15 16.73
CA ASP A 482 -0.94 -15.04 18.15
C ASP A 482 -0.61 -13.61 18.49
N TYR A 483 0.18 -12.97 17.61
CA TYR A 483 0.57 -11.61 17.89
C TYR A 483 -0.66 -10.72 17.96
N LEU A 484 -1.55 -10.83 16.97
CA LEU A 484 -2.71 -9.95 16.97
C LEU A 484 -3.62 -10.29 18.14
N ASN A 485 -3.63 -11.54 18.58
CA ASN A 485 -4.50 -11.88 19.68
C ASN A 485 -4.00 -11.25 20.97
N LYS A 486 -2.70 -10.97 21.08
CA LYS A 486 -2.20 -10.21 22.23
C LYS A 486 -2.90 -8.85 22.36
N PHE A 487 -3.45 -8.31 21.28
CA PHE A 487 -4.15 -7.03 21.35
C PHE A 487 -5.67 -7.22 21.34
N ASP A 488 -6.14 -8.46 21.51
CA ASP A 488 -7.56 -8.78 21.36
C ASP A 488 -8.09 -8.24 20.04
N TYR A 489 -7.29 -8.41 18.99
CA TYR A 489 -7.62 -7.83 17.68
C TYR A 489 -8.98 -8.31 17.20
N PHE A 490 -9.28 -9.59 17.36
CA PHE A 490 -10.55 -10.13 16.89
C PHE A 490 -11.70 -9.93 17.87
N GLU A 491 -11.48 -9.26 19.00
CA GLU A 491 -12.52 -9.17 20.02
C GLU A 491 -13.67 -8.27 19.57
#